data_4PSL
#
_entry.id   4PSL
#
_cell.length_a   136.636
_cell.length_b   136.636
_cell.length_c   122.055
_cell.angle_alpha   90.00
_cell.angle_beta   90.00
_cell.angle_gamma   120.00
#
_symmetry.space_group_name_H-M   'P 64'
#
loop_
_entity.id
_entity.type
_entity.pdbx_description
1 polymer 'ssDNA binding protein'
2 non-polymer 'SULFATE ION'
3 water water
#
_entity_poly.entity_id   1
_entity_poly.type   'polypeptide(L)'
_entity_poly.pdbx_seq_one_letter_code
;GAPKL(MSE)TGFVRASGYANKVRRVLFAITRGKVFPEEVVKAAGELNKIIFEKLQE(MSE)GVKKEDVVRISVDFNIED
GKIVWNLDSLEIETYKKEEEEKLALA(MSE)EEVEH(MSE)EK(MSE)FEETVKELEALSDKLREISKEISELVER
(MSE)KQEYTGLKLRSE
;
_entity_poly.pdbx_strand_id   A,B,C,D
#
loop_
_chem_comp.id
_chem_comp.type
_chem_comp.name
_chem_comp.formula
SO4 non-polymer 'SULFATE ION' 'O4 S -2'
#
# COMPACT_ATOMS: atom_id res chain seq x y z
N PRO A 3 -17.01 19.84 30.66
CA PRO A 3 -16.32 18.66 30.15
C PRO A 3 -15.78 17.80 31.30
N LYS A 4 -16.03 16.49 31.25
CA LYS A 4 -15.69 15.59 32.36
C LYS A 4 -15.20 14.22 31.89
N LEU A 5 -13.98 13.86 32.30
CA LEU A 5 -13.50 12.51 32.04
C LEU A 5 -13.89 11.64 33.22
N MSE A 6 -14.49 10.50 32.89
CA MSE A 6 -14.75 9.47 33.89
C MSE A 6 -14.29 8.12 33.35
O MSE A 6 -14.41 7.85 32.15
CB MSE A 6 -16.21 9.44 34.28
CG MSE A 6 -17.12 9.96 33.19
SE MSE A 6 -18.87 10.32 33.90
CE MSE A 6 -19.68 11.27 32.37
N THR A 7 -13.75 7.29 34.21
CA THR A 7 -13.20 6.03 33.76
C THR A 7 -14.19 4.90 33.97
N GLY A 8 -15.00 5.02 35.02
CA GLY A 8 -15.84 3.89 35.41
C GLY A 8 -14.94 2.80 35.99
N PHE A 9 -15.46 1.60 36.13
CA PHE A 9 -14.73 0.50 36.76
C PHE A 9 -13.49 0.07 35.99
N VAL A 10 -12.34 0.20 36.64
CA VAL A 10 -11.08 -0.23 36.07
C VAL A 10 -10.21 -0.77 37.20
N ARG A 11 -9.54 -1.90 36.98
CA ARG A 11 -8.63 -2.44 37.99
C ARG A 11 -7.53 -1.44 38.30
N ALA A 12 -7.13 -1.38 39.57
CA ALA A 12 -6.10 -0.45 40.04
C ALA A 12 -4.86 -0.45 39.17
N SER A 13 -4.38 -1.64 38.81
CA SER A 13 -3.19 -1.81 37.97
C SER A 13 -3.19 -0.90 36.71
N GLY A 14 -4.18 -1.08 35.84
CA GLY A 14 -4.25 -0.30 34.62
C GLY A 14 -5.14 0.92 34.69
N TYR A 15 -5.29 1.49 35.89
CA TYR A 15 -6.05 2.73 36.04
C TYR A 15 -5.31 3.85 35.33
N ALA A 16 -3.98 3.78 35.40
CA ALA A 16 -3.11 4.75 34.75
C ALA A 16 -3.51 4.87 33.29
N ASN A 17 -3.39 3.75 32.57
CA ASN A 17 -3.78 3.67 31.17
C ASN A 17 -5.16 4.20 30.95
N LYS A 18 -6.15 3.54 31.54
CA LYS A 18 -7.54 3.91 31.35
C LYS A 18 -7.78 5.43 31.29
N VAL A 19 -7.21 6.18 32.24
CA VAL A 19 -7.36 7.65 32.25
C VAL A 19 -6.86 8.23 30.95
N ARG A 20 -5.58 8.02 30.65
CA ARG A 20 -4.99 8.55 29.42
C ARG A 20 -5.76 8.09 28.19
N ARG A 21 -5.99 6.77 28.07
CA ARG A 21 -6.78 6.18 26.98
C ARG A 21 -8.05 7.01 26.68
N VAL A 22 -8.81 7.28 27.75
CA VAL A 22 -10.05 8.04 27.67
C VAL A 22 -9.79 9.52 27.36
N LEU A 23 -8.69 10.05 27.91
CA LEU A 23 -8.34 11.45 27.68
C LEU A 23 -8.16 11.69 26.19
N PHE A 24 -7.41 10.81 25.54
CA PHE A 24 -7.23 10.85 24.10
C PHE A 24 -8.55 10.86 23.39
N ALA A 25 -9.42 9.95 23.83
CA ALA A 25 -10.76 9.83 23.30
C ALA A 25 -11.51 11.14 23.39
N ILE A 26 -11.65 11.69 24.59
CA ILE A 26 -12.42 12.91 24.80
C ILE A 26 -11.88 14.12 24.00
N THR A 27 -10.57 14.31 23.98
CA THR A 27 -9.96 15.49 23.40
C THR A 27 -9.78 15.43 21.89
N ARG A 28 -9.61 14.23 21.35
CA ARG A 28 -9.35 14.03 19.93
C ARG A 28 -9.65 15.26 19.09
N GLY A 29 -8.61 15.84 18.50
CA GLY A 29 -8.74 16.99 17.62
C GLY A 29 -8.50 18.32 18.30
N LYS A 30 -8.98 18.46 19.53
CA LYS A 30 -8.97 19.71 20.29
C LYS A 30 -7.59 20.06 20.90
N VAL A 31 -6.76 19.05 21.12
CA VAL A 31 -5.45 19.27 21.74
C VAL A 31 -4.39 18.42 21.02
N PHE A 32 -3.15 18.90 20.98
CA PHE A 32 -2.03 18.08 20.55
C PHE A 32 -1.81 16.91 21.50
N PRO A 33 -1.41 15.74 20.95
CA PRO A 33 -1.21 14.54 21.77
C PRO A 33 -0.15 14.74 22.86
N GLU A 34 0.91 15.46 22.55
CA GLU A 34 1.95 15.75 23.52
C GLU A 34 1.35 16.33 24.81
N GLU A 35 0.34 17.17 24.65
CA GLU A 35 -0.33 17.79 25.79
C GLU A 35 -1.24 16.77 26.51
N VAL A 36 -1.68 15.75 25.79
CA VAL A 36 -2.55 14.75 26.40
C VAL A 36 -1.73 13.87 27.32
N VAL A 37 -0.54 13.46 26.88
CA VAL A 37 0.30 12.59 27.73
C VAL A 37 0.75 13.33 28.98
N LYS A 38 1.14 14.59 28.80
CA LYS A 38 1.62 15.44 29.89
C LYS A 38 0.54 15.68 30.93
N ALA A 39 -0.66 16.06 30.48
CA ALA A 39 -1.77 16.29 31.38
C ALA A 39 -2.21 15.01 32.06
N ALA A 40 -2.26 13.91 31.32
CA ALA A 40 -2.67 12.62 31.85
C ALA A 40 -1.74 12.18 32.96
N GLY A 41 -0.45 12.13 32.64
CA GLY A 41 0.59 11.75 33.61
C GLY A 41 0.57 12.60 34.85
N GLU A 42 0.35 13.91 34.69
CA GLU A 42 0.27 14.85 35.81
C GLU A 42 -0.83 14.48 36.79
N LEU A 43 -2.02 14.18 36.27
CA LEU A 43 -3.13 13.77 37.11
C LEU A 43 -2.95 12.34 37.62
N ASN A 44 -2.42 11.46 36.78
CA ASN A 44 -2.17 10.08 37.17
C ASN A 44 -1.27 9.97 38.37
N LYS A 45 -0.21 10.78 38.43
CA LYS A 45 0.57 10.89 39.66
C LYS A 45 -0.32 11.33 40.81
N ILE A 46 -0.96 12.49 40.69
CA ILE A 46 -1.88 13.01 41.72
C ILE A 46 -2.83 11.94 42.24
N ILE A 47 -3.28 11.05 41.37
CA ILE A 47 -4.10 9.93 41.79
C ILE A 47 -3.26 8.99 42.62
N PHE A 48 -2.20 8.44 42.01
CA PHE A 48 -1.35 7.43 42.65
C PHE A 48 -1.07 7.75 44.11
N GLU A 49 -0.61 8.97 44.37
CA GLU A 49 -0.36 9.47 45.73
C GLU A 49 -1.62 9.39 46.59
N LYS A 50 -2.68 10.06 46.11
CA LYS A 50 -3.95 10.17 46.81
C LYS A 50 -4.63 8.79 46.94
N LEU A 51 -4.14 7.82 46.19
CA LEU A 51 -4.68 6.47 46.16
C LEU A 51 -3.96 5.59 47.18
N GLN A 52 -2.71 5.93 47.47
CA GLN A 52 -1.93 5.20 48.45
C GLN A 52 -2.36 5.58 49.87
N GLU A 53 -2.83 6.82 50.02
CA GLU A 53 -3.33 7.32 51.30
C GLU A 53 -4.58 6.55 51.77
N MSE A 54 -5.28 5.96 50.81
CA MSE A 54 -6.45 5.14 51.08
C MSE A 54 -6.09 3.66 51.14
O MSE A 54 -6.95 2.82 51.36
CB MSE A 54 -7.52 5.41 50.02
CG MSE A 54 -7.77 6.88 49.75
SE MSE A 54 -9.21 7.16 48.44
CE MSE A 54 -8.94 9.08 48.10
N GLY A 55 -4.81 3.36 50.93
CA GLY A 55 -4.28 1.99 51.04
C GLY A 55 -4.86 0.99 50.06
N VAL A 56 -4.65 1.24 48.78
CA VAL A 56 -5.27 0.47 47.70
C VAL A 56 -4.25 -0.44 47.00
N LYS A 57 -4.45 -1.75 47.11
CA LYS A 57 -3.62 -2.72 46.41
C LYS A 57 -3.88 -2.71 44.90
N LYS A 58 -3.00 -3.37 44.13
CA LYS A 58 -3.15 -3.41 42.67
C LYS A 58 -4.39 -4.20 42.19
N GLU A 59 -4.89 -5.11 43.03
CA GLU A 59 -6.01 -5.99 42.65
C GLU A 59 -7.37 -5.36 42.87
N ASP A 60 -7.42 -4.29 43.66
CA ASP A 60 -8.67 -3.60 43.97
C ASP A 60 -9.19 -2.87 42.72
N VAL A 61 -10.47 -2.50 42.74
CA VAL A 61 -11.03 -1.80 41.59
C VAL A 61 -11.44 -0.39 41.98
N VAL A 62 -11.48 0.50 41.00
CA VAL A 62 -11.64 1.94 41.26
C VAL A 62 -12.47 2.67 40.22
N ARG A 63 -13.11 3.75 40.65
CA ARG A 63 -13.84 4.66 39.76
C ARG A 63 -13.30 6.08 39.91
N ILE A 64 -13.06 6.75 38.80
CA ILE A 64 -12.40 8.07 38.80
C ILE A 64 -13.13 9.10 37.93
N SER A 65 -13.50 10.23 38.50
CA SER A 65 -14.16 11.30 37.74
C SER A 65 -13.56 12.65 38.08
N VAL A 66 -13.21 13.41 37.05
CA VAL A 66 -12.63 14.73 37.23
C VAL A 66 -13.08 15.62 36.07
N ASP A 67 -13.49 16.85 36.38
CA ASP A 67 -13.77 17.84 35.35
C ASP A 67 -12.46 18.47 34.91
N PHE A 68 -12.45 19.00 33.69
CA PHE A 68 -11.27 19.69 33.16
C PHE A 68 -11.74 20.75 32.18
N ASN A 69 -10.80 21.53 31.66
CA ASN A 69 -11.10 22.55 30.66
C ASN A 69 -9.97 22.67 29.63
N ILE A 70 -10.34 22.80 28.37
CA ILE A 70 -9.35 23.04 27.33
C ILE A 70 -9.18 24.54 27.22
N GLU A 71 -7.96 25.02 27.47
CA GLU A 71 -7.70 26.47 27.55
C GLU A 71 -6.46 26.88 26.80
N ASP A 72 -6.67 27.63 25.71
CA ASP A 72 -5.61 27.97 24.76
C ASP A 72 -4.69 26.77 24.54
N GLY A 73 -5.29 25.67 24.09
CA GLY A 73 -4.56 24.45 23.75
C GLY A 73 -3.98 23.64 24.90
N LYS A 74 -4.41 23.91 26.13
CA LYS A 74 -3.89 23.19 27.29
C LYS A 74 -5.01 22.59 28.14
N ILE A 75 -4.67 21.56 28.91
CA ILE A 75 -5.65 20.90 29.77
C ILE A 75 -5.48 21.34 31.21
N VAL A 76 -6.51 22.00 31.74
CA VAL A 76 -6.55 22.36 33.17
C VAL A 76 -7.78 21.73 33.81
N TRP A 77 -7.56 21.09 34.95
CA TRP A 77 -8.65 20.52 35.72
C TRP A 77 -8.63 21.04 37.12
N ASN A 78 -9.79 21.39 37.65
CA ASN A 78 -9.86 21.72 39.07
C ASN A 78 -9.92 20.43 39.87
N LEU A 79 -8.92 20.26 40.72
CA LEU A 79 -8.73 19.01 41.46
C LEU A 79 -9.88 18.79 42.42
N ASP A 80 -10.57 19.87 42.78
CA ASP A 80 -11.70 19.82 43.72
C ASP A 80 -12.81 18.93 43.16
N SER A 81 -13.04 19.02 41.84
CA SER A 81 -14.05 18.21 41.17
C SER A 81 -13.66 16.74 41.09
N LEU A 82 -12.36 16.46 41.20
CA LEU A 82 -11.86 15.09 41.16
C LEU A 82 -12.45 14.31 42.32
N GLU A 83 -12.96 13.12 42.02
CA GLU A 83 -13.49 12.23 43.05
C GLU A 83 -13.25 10.75 42.71
N ILE A 84 -12.81 9.98 43.71
CA ILE A 84 -12.39 8.59 43.54
C ILE A 84 -13.20 7.63 44.41
N GLU A 85 -13.84 6.64 43.79
CA GLU A 85 -14.43 5.52 44.53
C GLU A 85 -13.46 4.37 44.56
N THR A 86 -13.51 3.59 45.64
CA THR A 86 -12.54 2.53 45.85
C THR A 86 -13.21 1.25 46.37
N TYR A 87 -12.92 0.11 45.73
CA TYR A 87 -13.59 -1.17 46.04
C TYR A 87 -12.60 -2.29 46.29
N LYS A 88 -12.59 -2.79 47.53
CA LYS A 88 -11.64 -3.82 47.94
C LYS A 88 -12.03 -5.17 47.35
N LYS A 89 -11.02 -5.91 46.91
CA LYS A 89 -11.22 -7.23 46.31
C LYS A 89 -12.01 -8.13 47.26
N GLU A 90 -11.65 -8.08 48.54
CA GLU A 90 -12.38 -8.78 49.59
C GLU A 90 -13.89 -8.61 49.48
N GLU A 91 -14.34 -7.36 49.32
CA GLU A 91 -15.77 -7.00 49.22
C GLU A 91 -16.44 -7.54 47.96
N GLU A 92 -15.94 -7.09 46.81
CA GLU A 92 -16.45 -7.51 45.53
C GLU A 92 -15.49 -8.46 44.85
N GLU A 93 -15.46 -9.69 45.32
CA GLU A 93 -14.60 -10.73 44.76
C GLU A 93 -15.04 -11.05 43.33
N LYS A 94 -16.34 -10.89 43.08
CA LYS A 94 -16.92 -11.16 41.77
C LYS A 94 -16.54 -10.04 40.81
N LEU A 95 -16.68 -8.79 41.27
CA LEU A 95 -16.31 -7.64 40.45
C LEU A 95 -14.84 -7.67 40.06
N ALA A 96 -13.97 -7.72 41.08
CA ALA A 96 -12.52 -7.64 40.89
C ALA A 96 -11.96 -8.69 39.93
N LEU A 97 -12.64 -9.84 39.82
CA LEU A 97 -12.26 -10.87 38.85
C LEU A 97 -12.55 -10.36 37.45
N ALA A 98 -13.80 -9.93 37.24
CA ALA A 98 -14.23 -9.37 35.97
C ALA A 98 -13.22 -8.36 35.47
N MSE A 99 -12.73 -7.52 36.37
CA MSE A 99 -11.79 -6.47 36.01
C MSE A 99 -10.43 -7.00 35.64
O MSE A 99 -9.81 -6.50 34.71
CB MSE A 99 -11.65 -5.47 37.15
CG MSE A 99 -12.90 -4.64 37.33
SE MSE A 99 -13.45 -3.71 35.70
CE MSE A 99 -14.68 -5.05 34.99
N GLU A 100 -9.97 -8.01 36.37
CA GLU A 100 -8.73 -8.68 36.05
C GLU A 100 -8.90 -9.31 34.66
N GLU A 101 -10.08 -9.88 34.43
CA GLU A 101 -10.45 -10.52 33.17
C GLU A 101 -10.33 -9.54 32.00
N VAL A 102 -10.74 -8.30 32.23
CA VAL A 102 -10.62 -7.22 31.24
C VAL A 102 -9.15 -6.92 31.00
N GLU A 103 -8.40 -6.75 32.09
CA GLU A 103 -6.99 -6.44 31.97
C GLU A 103 -6.31 -7.45 31.08
N HIS A 104 -6.43 -8.73 31.40
CA HIS A 104 -5.84 -9.77 30.56
C HIS A 104 -6.22 -9.52 29.11
N MSE A 105 -7.52 -9.36 28.84
CA MSE A 105 -7.98 -9.16 27.48
C MSE A 105 -7.38 -7.92 26.82
O MSE A 105 -7.01 -7.96 25.66
CB MSE A 105 -9.51 -9.07 27.45
CG MSE A 105 -10.02 -7.86 26.69
SE MSE A 105 -11.37 -8.32 25.38
CE MSE A 105 -12.91 -8.55 26.59
N GLU A 106 -7.29 -6.84 27.59
CA GLU A 106 -6.76 -5.58 27.09
C GLU A 106 -5.29 -5.69 26.69
N LYS A 107 -4.57 -6.54 27.41
CA LYS A 107 -3.15 -6.75 27.19
C LYS A 107 -2.94 -7.76 26.08
N MSE A 108 -3.86 -8.71 25.96
CA MSE A 108 -3.88 -9.67 24.86
C MSE A 108 -4.01 -8.89 23.56
O MSE A 108 -3.40 -9.23 22.54
CB MSE A 108 -5.06 -10.62 24.99
CG MSE A 108 -4.80 -11.98 24.38
SE MSE A 108 -3.37 -12.83 25.39
CE MSE A 108 -2.40 -13.71 23.91
N PHE A 109 -4.82 -7.84 23.63
CA PHE A 109 -5.11 -6.97 22.52
C PHE A 109 -3.87 -6.21 22.03
N GLU A 110 -3.08 -5.70 22.96
CA GLU A 110 -1.87 -4.96 22.63
C GLU A 110 -1.03 -5.69 21.62
N GLU A 111 -0.95 -7.00 21.78
CA GLU A 111 -0.16 -7.83 20.88
C GLU A 111 -0.65 -7.80 19.42
N THR A 112 -1.97 -7.72 19.23
CA THR A 112 -2.56 -7.64 17.91
C THR A 112 -2.19 -6.32 17.28
N VAL A 113 -2.36 -5.23 18.03
CA VAL A 113 -2.00 -3.89 17.55
C VAL A 113 -0.57 -3.90 17.05
N LYS A 114 0.34 -4.37 17.90
CA LYS A 114 1.76 -4.42 17.57
C LYS A 114 1.97 -5.08 16.22
N GLU A 115 1.28 -6.21 16.03
CA GLU A 115 1.27 -6.91 14.76
C GLU A 115 0.88 -5.98 13.60
N LEU A 116 -0.19 -5.21 13.80
CA LEU A 116 -0.73 -4.32 12.78
C LEU A 116 0.20 -3.17 12.43
N GLU A 117 0.68 -2.47 13.45
CA GLU A 117 1.74 -1.49 13.29
C GLU A 117 2.87 -2.07 12.41
N ALA A 118 3.38 -3.24 12.82
CA ALA A 118 4.44 -3.96 12.09
C ALA A 118 4.21 -3.96 10.58
N LEU A 119 2.96 -4.16 10.19
CA LEU A 119 2.54 -4.14 8.79
C LEU A 119 2.41 -2.73 8.22
N SER A 120 1.77 -1.83 8.95
CA SER A 120 1.63 -0.45 8.47
C SER A 120 3.00 0.14 8.19
N ASP A 121 3.96 -0.19 9.06
CA ASP A 121 5.35 0.26 8.91
C ASP A 121 5.95 -0.31 7.65
N LYS A 122 5.95 -1.64 7.56
CA LYS A 122 6.39 -2.34 6.35
C LYS A 122 5.78 -1.74 5.08
N LEU A 123 4.56 -1.24 5.21
CA LEU A 123 3.87 -0.63 4.09
C LEU A 123 4.39 0.77 3.81
N ARG A 124 4.41 1.62 4.84
CA ARG A 124 4.84 3.00 4.65
C ARG A 124 6.18 3.00 3.97
N GLU A 125 7.07 2.14 4.47
CA GLU A 125 8.34 1.83 3.84
C GLU A 125 8.20 1.48 2.36
N ILE A 126 7.33 0.53 2.02
CA ILE A 126 7.16 0.14 0.62
C ILE A 126 6.64 1.31 -0.23
N SER A 127 5.67 2.05 0.31
CA SER A 127 5.15 3.22 -0.36
C SER A 127 6.25 4.24 -0.64
N LYS A 128 6.99 4.62 0.41
CA LYS A 128 8.09 5.58 0.29
C LYS A 128 9.07 5.18 -0.81
N GLU A 129 9.34 3.89 -0.91
CA GLU A 129 10.21 3.36 -1.94
C GLU A 129 9.56 3.54 -3.30
N ILE A 130 8.28 3.21 -3.42
CA ILE A 130 7.60 3.29 -4.71
C ILE A 130 7.52 4.72 -5.21
N SER A 131 7.11 5.63 -4.34
CA SER A 131 7.07 7.06 -4.67
C SER A 131 8.45 7.51 -5.10
N GLU A 132 9.45 7.18 -4.28
CA GLU A 132 10.84 7.46 -4.56
C GLU A 132 11.24 6.92 -5.92
N LEU A 133 10.84 5.69 -6.25
CA LEU A 133 11.19 5.08 -7.55
C LEU A 133 10.42 5.69 -8.73
N VAL A 134 9.14 5.96 -8.52
CA VAL A 134 8.30 6.59 -9.53
C VAL A 134 8.96 7.89 -9.98
N GLU A 135 9.39 8.69 -9.02
CA GLU A 135 10.13 9.91 -9.31
C GLU A 135 11.34 9.61 -10.19
N ARG A 136 12.19 8.70 -9.73
CA ARG A 136 13.43 8.34 -10.42
C ARG A 136 13.18 7.90 -11.86
N MSE A 137 11.99 7.38 -12.13
CA MSE A 137 11.58 7.00 -13.48
C MSE A 137 11.34 8.22 -14.32
O MSE A 137 11.72 8.28 -15.49
CB MSE A 137 10.28 6.22 -13.46
CG MSE A 137 10.42 4.77 -13.10
SE MSE A 137 8.83 3.78 -13.63
CE MSE A 137 9.12 3.78 -15.57
N LYS A 138 10.68 9.20 -13.70
CA LYS A 138 10.30 10.43 -14.38
C LYS A 138 11.55 11.16 -14.83
N GLN A 139 12.55 11.18 -13.94
CA GLN A 139 13.83 11.82 -14.20
C GLN A 139 14.61 11.22 -15.36
N GLU A 140 14.47 9.91 -15.54
CA GLU A 140 15.30 9.21 -16.49
C GLU A 140 14.65 8.93 -17.83
N TYR A 141 13.32 8.85 -17.84
CA TYR A 141 12.63 8.36 -19.03
C TYR A 141 11.54 9.30 -19.57
N THR A 142 11.40 10.46 -18.93
CA THR A 142 10.37 11.41 -19.34
C THR A 142 10.86 12.85 -19.38
N GLY A 143 10.30 13.63 -20.29
CA GLY A 143 10.44 15.07 -20.24
C GLY A 143 9.40 15.69 -19.32
N LEU A 144 8.90 14.91 -18.36
CA LEU A 144 7.89 15.42 -17.43
C LEU A 144 8.47 16.36 -16.39
N LYS A 145 7.59 17.11 -15.73
CA LYS A 145 8.00 18.02 -14.66
C LYS A 145 8.34 17.23 -13.41
N LEU A 146 9.48 17.54 -12.79
CA LEU A 146 9.96 16.82 -11.60
C LEU A 146 9.56 17.53 -10.31
N ARG A 147 9.81 16.89 -9.17
CA ARG A 147 9.41 17.43 -7.86
C ARG A 147 10.53 18.20 -7.16
N SER A 148 11.48 18.66 -7.95
CA SER A 148 12.54 19.57 -7.51
C SER A 148 12.80 20.64 -8.59
N GLU A 149 11.72 21.19 -9.15
CA GLU A 149 11.77 22.29 -10.12
C GLU A 149 11.08 23.55 -9.60
N ALA B 2 -8.08 -32.19 27.05
CA ALA B 2 -9.43 -31.79 26.54
C ALA B 2 -9.61 -30.27 26.61
N PRO B 3 -9.47 -29.57 25.46
CA PRO B 3 -9.49 -28.09 25.41
C PRO B 3 -10.84 -27.51 25.81
N LYS B 4 -10.81 -26.26 26.28
CA LYS B 4 -11.95 -25.67 26.98
C LYS B 4 -12.25 -24.22 26.58
N LEU B 5 -13.48 -23.96 26.11
CA LEU B 5 -13.92 -22.59 25.83
C LEU B 5 -14.44 -21.97 27.11
N MSE B 6 -14.01 -20.76 27.43
CA MSE B 6 -14.60 -20.03 28.54
C MSE B 6 -14.74 -18.55 28.24
O MSE B 6 -13.83 -17.93 27.70
CB MSE B 6 -13.82 -20.19 29.83
CG MSE B 6 -12.70 -21.20 29.74
SE MSE B 6 -11.73 -21.12 31.41
CE MSE B 6 -9.88 -21.36 30.74
N THR B 7 -15.89 -17.99 28.58
CA THR B 7 -16.18 -16.61 28.24
C THR B 7 -15.84 -15.69 29.38
N GLY B 8 -15.88 -16.21 30.61
CA GLY B 8 -15.74 -15.36 31.79
C GLY B 8 -16.94 -14.45 31.90
N PHE B 9 -16.85 -13.40 32.72
CA PHE B 9 -18.01 -12.53 32.91
C PHE B 9 -18.34 -11.79 31.63
N VAL B 10 -19.53 -12.05 31.09
CA VAL B 10 -20.00 -11.36 29.91
C VAL B 10 -21.49 -11.05 30.08
N ARG B 11 -21.85 -9.78 29.92
CA ARG B 11 -23.25 -9.38 29.94
C ARG B 11 -24.05 -10.17 28.92
N ALA B 12 -25.21 -10.68 29.34
CA ALA B 12 -25.99 -11.59 28.51
C ALA B 12 -26.25 -11.02 27.12
N SER B 13 -26.45 -9.71 27.07
CA SER B 13 -26.76 -8.98 25.83
C SER B 13 -25.93 -9.41 24.63
N GLY B 14 -24.63 -9.61 24.85
CA GLY B 14 -23.73 -10.08 23.81
C GLY B 14 -22.87 -11.24 24.26
N TYR B 15 -23.47 -12.21 24.96
CA TYR B 15 -22.79 -13.46 25.28
C TYR B 15 -22.46 -14.15 23.94
N ALA B 16 -23.44 -14.11 23.03
CA ALA B 16 -23.38 -14.81 21.75
C ALA B 16 -22.08 -14.47 21.07
N ASN B 17 -21.88 -13.17 20.84
CA ASN B 17 -20.62 -12.66 20.31
C ASN B 17 -19.43 -13.22 21.07
N LYS B 18 -19.38 -12.96 22.37
CA LYS B 18 -18.22 -13.31 23.17
C LYS B 18 -17.79 -14.76 23.09
N VAL B 19 -18.72 -15.72 22.92
CA VAL B 19 -18.28 -17.11 22.78
C VAL B 19 -17.57 -17.26 21.45
N ARG B 20 -18.19 -16.77 20.37
CA ARG B 20 -17.58 -16.87 19.04
C ARG B 20 -16.21 -16.18 18.98
N ARG B 21 -16.14 -14.95 19.47
CA ARG B 21 -14.89 -14.23 19.55
C ARG B 21 -13.83 -15.14 20.17
N VAL B 22 -14.16 -15.74 21.32
CA VAL B 22 -13.22 -16.61 22.03
C VAL B 22 -12.95 -17.88 21.22
N LEU B 23 -13.95 -18.34 20.49
CA LEU B 23 -13.79 -19.54 19.69
C LEU B 23 -12.78 -19.34 18.57
N PHE B 24 -12.87 -18.21 17.87
CA PHE B 24 -11.90 -17.86 16.83
C PHE B 24 -10.51 -17.85 17.41
N ALA B 25 -10.39 -17.12 18.52
CA ALA B 25 -9.13 -16.98 19.23
C ALA B 25 -8.54 -18.34 19.61
N ILE B 26 -9.37 -19.19 20.21
CA ILE B 26 -8.91 -20.47 20.70
C ILE B 26 -8.47 -21.46 19.60
N THR B 27 -9.22 -21.52 18.50
CA THR B 27 -8.95 -22.51 17.46
C THR B 27 -8.11 -21.98 16.30
N ARG B 28 -7.64 -20.73 16.42
CA ARG B 28 -6.92 -20.07 15.33
C ARG B 28 -5.90 -20.99 14.69
N GLY B 29 -6.03 -21.20 13.39
CA GLY B 29 -5.07 -22.00 12.65
C GLY B 29 -5.45 -23.46 12.52
N LYS B 30 -6.17 -23.98 13.51
CA LYS B 30 -6.52 -25.40 13.57
C LYS B 30 -7.71 -25.70 12.68
N VAL B 31 -8.66 -24.77 12.62
CA VAL B 31 -9.86 -24.95 11.80
C VAL B 31 -10.15 -23.78 10.84
N PHE B 32 -10.89 -24.09 9.78
CA PHE B 32 -11.42 -23.10 8.86
C PHE B 32 -12.43 -22.21 9.57
N PRO B 33 -12.48 -20.92 9.19
CA PRO B 33 -13.38 -19.98 9.83
C PRO B 33 -14.83 -20.41 9.71
N GLU B 34 -15.23 -20.87 8.53
CA GLU B 34 -16.61 -21.31 8.31
C GLU B 34 -17.07 -22.25 9.40
N GLU B 35 -16.20 -23.20 9.76
CA GLU B 35 -16.48 -24.15 10.85
C GLU B 35 -16.62 -23.44 12.20
N VAL B 36 -15.71 -22.51 12.50
CA VAL B 36 -15.79 -21.73 13.74
C VAL B 36 -17.14 -21.04 13.91
N VAL B 37 -17.62 -20.36 12.87
CA VAL B 37 -18.95 -19.73 12.92
C VAL B 37 -20.08 -20.76 13.11
N LYS B 38 -20.08 -21.81 12.28
CA LYS B 38 -21.11 -22.86 12.38
C LYS B 38 -21.15 -23.50 13.78
N ALA B 39 -19.96 -23.83 14.31
CA ALA B 39 -19.85 -24.45 15.61
C ALA B 39 -20.34 -23.53 16.71
N ALA B 40 -19.87 -22.29 16.72
CA ALA B 40 -20.30 -21.32 17.72
C ALA B 40 -21.79 -21.03 17.57
N GLY B 41 -22.27 -21.00 16.33
CA GLY B 41 -23.69 -20.82 16.05
C GLY B 41 -24.58 -21.90 16.67
N GLU B 42 -24.17 -23.15 16.53
CA GLU B 42 -24.88 -24.28 17.13
C GLU B 42 -24.90 -24.20 18.66
N LEU B 43 -23.75 -23.96 19.28
CA LEU B 43 -23.67 -23.84 20.72
C LEU B 43 -24.49 -22.64 21.19
N ASN B 44 -24.28 -21.49 20.54
CA ASN B 44 -24.98 -20.26 20.91
C ASN B 44 -26.48 -20.41 20.87
N LYS B 45 -26.99 -21.25 19.97
CA LYS B 45 -28.42 -21.52 19.93
C LYS B 45 -28.86 -22.37 21.12
N ILE B 46 -27.97 -23.28 21.55
CA ILE B 46 -28.22 -24.09 22.75
C ILE B 46 -28.23 -23.23 24.01
N ILE B 47 -27.18 -22.43 24.22
CA ILE B 47 -27.09 -21.67 25.47
C ILE B 47 -28.15 -20.62 25.56
N PHE B 48 -28.82 -20.33 24.45
CA PHE B 48 -29.91 -19.36 24.46
C PHE B 48 -31.14 -19.96 25.11
N GLU B 49 -31.52 -21.15 24.63
CA GLU B 49 -32.72 -21.81 25.12
C GLU B 49 -32.52 -22.19 26.57
N LYS B 50 -31.30 -22.58 26.91
CA LYS B 50 -30.93 -22.87 28.29
C LYS B 50 -31.04 -21.60 29.14
N LEU B 51 -30.58 -20.47 28.60
CA LEU B 51 -30.60 -19.21 29.33
C LEU B 51 -32.00 -18.77 29.63
N GLN B 52 -32.91 -19.04 28.69
CA GLN B 52 -34.33 -18.77 28.93
C GLN B 52 -34.88 -19.62 30.06
N GLU B 53 -34.44 -20.87 30.14
CA GLU B 53 -34.84 -21.78 31.21
C GLU B 53 -34.37 -21.29 32.58
N MSE B 54 -33.40 -20.38 32.58
CA MSE B 54 -32.93 -19.76 33.80
C MSE B 54 -33.52 -18.38 33.93
O MSE B 54 -33.16 -17.63 34.83
CB MSE B 54 -31.41 -19.68 33.82
CG MSE B 54 -30.71 -20.96 34.18
SE MSE B 54 -28.85 -20.94 33.59
CE MSE B 54 -29.09 -21.75 31.84
N GLY B 55 -34.41 -18.02 33.00
CA GLY B 55 -35.11 -16.73 33.04
C GLY B 55 -34.15 -15.56 33.14
N VAL B 56 -33.29 -15.43 32.14
CA VAL B 56 -32.27 -14.42 32.12
C VAL B 56 -32.73 -13.22 31.29
N LYS B 57 -32.43 -12.02 31.78
CA LYS B 57 -32.77 -10.81 31.08
C LYS B 57 -31.57 -10.25 30.34
N LYS B 58 -31.84 -9.34 29.41
CA LYS B 58 -30.82 -8.64 28.66
C LYS B 58 -29.68 -8.11 29.55
N GLU B 59 -30.04 -7.53 30.69
CA GLU B 59 -29.12 -6.80 31.55
C GLU B 59 -28.22 -7.66 32.41
N ASP B 60 -28.65 -8.88 32.68
CA ASP B 60 -27.92 -9.79 33.57
C ASP B 60 -26.54 -10.15 33.03
N VAL B 61 -25.68 -10.64 33.90
CA VAL B 61 -24.36 -11.09 33.51
C VAL B 61 -24.31 -12.60 33.61
N VAL B 62 -23.79 -13.25 32.57
CA VAL B 62 -23.63 -14.70 32.58
C VAL B 62 -22.17 -15.10 32.54
N ARG B 63 -21.92 -16.41 32.55
CA ARG B 63 -20.58 -16.97 32.55
C ARG B 63 -20.67 -18.34 31.92
N ILE B 64 -19.71 -18.69 31.07
CA ILE B 64 -19.81 -19.94 30.28
C ILE B 64 -18.52 -20.75 30.24
N SER B 65 -18.62 -22.04 30.54
CA SER B 65 -17.53 -23.01 30.40
C SER B 65 -18.03 -24.23 29.66
N VAL B 66 -17.28 -24.68 28.66
CA VAL B 66 -17.58 -25.92 27.92
C VAL B 66 -16.32 -26.50 27.29
N ASP B 67 -16.28 -27.83 27.19
CA ASP B 67 -15.18 -28.52 26.54
C ASP B 67 -15.54 -28.96 25.13
N PHE B 68 -14.56 -28.92 24.26
CA PHE B 68 -14.72 -29.29 22.87
C PHE B 68 -13.47 -30.02 22.41
N ASN B 69 -13.59 -30.83 21.37
CA ASN B 69 -12.41 -31.41 20.72
C ASN B 69 -12.42 -31.11 19.22
N ILE B 70 -11.22 -31.00 18.64
CA ILE B 70 -11.09 -30.70 17.22
C ILE B 70 -10.75 -31.99 16.47
N GLU B 71 -11.65 -32.44 15.61
CA GLU B 71 -11.55 -33.76 14.99
C GLU B 71 -11.73 -33.72 13.48
N ASP B 72 -10.63 -33.85 12.75
CA ASP B 72 -10.62 -33.79 11.29
C ASP B 72 -11.26 -32.51 10.77
N GLY B 73 -10.96 -31.40 11.44
CA GLY B 73 -11.46 -30.10 11.03
C GLY B 73 -12.93 -29.88 11.31
N LYS B 74 -13.39 -30.41 12.43
CA LYS B 74 -14.71 -30.09 12.94
C LYS B 74 -14.66 -29.87 14.44
N ILE B 75 -15.48 -28.94 14.92
CA ILE B 75 -15.51 -28.66 16.34
C ILE B 75 -16.71 -29.37 16.91
N VAL B 76 -16.44 -30.32 17.81
CA VAL B 76 -17.48 -31.06 18.52
C VAL B 76 -17.32 -30.82 20.02
N TRP B 77 -18.43 -30.56 20.70
CA TRP B 77 -18.36 -30.35 22.13
C TRP B 77 -19.22 -31.33 22.86
N ASN B 78 -18.71 -31.85 23.97
CA ASN B 78 -19.55 -32.63 24.85
C ASN B 78 -20.47 -31.71 25.64
N LEU B 79 -21.69 -31.55 25.16
CA LEU B 79 -22.60 -30.55 25.69
C LEU B 79 -22.75 -30.65 27.21
N ASP B 80 -22.73 -31.86 27.75
CA ASP B 80 -22.88 -32.02 29.19
C ASP B 80 -21.63 -31.60 29.96
N SER B 81 -20.55 -31.27 29.26
CA SER B 81 -19.40 -30.63 29.90
C SER B 81 -19.58 -29.12 29.97
N LEU B 82 -20.68 -28.64 29.41
CA LEU B 82 -21.01 -27.21 29.44
C LEU B 82 -21.64 -26.83 30.75
N GLU B 83 -21.20 -25.71 31.33
CA GLU B 83 -21.88 -25.13 32.47
C GLU B 83 -22.09 -23.63 32.30
N ILE B 84 -23.25 -23.14 32.75
CA ILE B 84 -23.56 -21.72 32.76
C ILE B 84 -23.74 -21.24 34.19
N GLU B 85 -23.08 -20.15 34.55
CA GLU B 85 -23.39 -19.44 35.80
C GLU B 85 -24.18 -18.19 35.48
N THR B 86 -25.07 -17.79 36.38
CA THR B 86 -25.97 -16.67 36.11
C THR B 86 -26.05 -15.66 37.24
N TYR B 87 -26.16 -14.38 36.88
CA TYR B 87 -26.09 -13.32 37.87
C TYR B 87 -27.14 -12.29 37.58
N LYS B 88 -28.16 -12.24 38.43
CA LYS B 88 -29.21 -11.26 38.24
C LYS B 88 -28.60 -9.90 38.53
N LYS B 89 -28.91 -8.92 37.69
CA LYS B 89 -28.40 -7.57 37.87
C LYS B 89 -28.68 -7.05 39.28
N GLU B 90 -29.91 -7.28 39.75
CA GLU B 90 -30.37 -6.85 41.06
C GLU B 90 -29.50 -7.31 42.22
N GLU B 91 -29.03 -8.55 42.16
CA GLU B 91 -28.10 -9.07 43.19
C GLU B 91 -26.72 -8.41 43.14
N GLU B 92 -26.09 -8.42 41.96
CA GLU B 92 -24.74 -7.88 41.80
C GLU B 92 -24.78 -6.64 40.93
N GLU B 93 -25.49 -5.62 41.41
CA GLU B 93 -25.72 -4.38 40.66
C GLU B 93 -24.42 -3.76 40.15
N LYS B 94 -23.38 -3.86 40.98
CA LYS B 94 -22.06 -3.27 40.70
C LYS B 94 -21.40 -3.95 39.51
N LEU B 95 -21.31 -5.27 39.54
CA LEU B 95 -20.76 -6.04 38.43
C LEU B 95 -21.56 -5.80 37.15
N ALA B 96 -22.89 -5.83 37.29
CA ALA B 96 -23.81 -5.71 36.17
C ALA B 96 -23.68 -4.40 35.40
N LEU B 97 -23.39 -3.32 36.12
CA LEU B 97 -23.10 -2.03 35.49
C LEU B 97 -21.79 -2.13 34.76
N ALA B 98 -20.76 -2.59 35.48
CA ALA B 98 -19.43 -2.71 34.93
C ALA B 98 -19.47 -3.43 33.60
N MSE B 99 -20.45 -4.32 33.45
CA MSE B 99 -20.49 -5.10 32.25
C MSE B 99 -21.14 -4.37 31.06
O MSE B 99 -20.88 -4.74 29.92
CB MSE B 99 -21.12 -6.46 32.52
CG MSE B 99 -20.34 -7.59 31.88
SE MSE B 99 -18.52 -7.96 32.54
CE MSE B 99 -17.99 -6.32 33.45
N GLU B 100 -21.96 -3.35 31.34
CA GLU B 100 -22.52 -2.48 30.30
C GLU B 100 -21.43 -1.58 29.82
N GLU B 101 -20.51 -1.28 30.73
CA GLU B 101 -19.38 -0.41 30.42
C GLU B 101 -18.44 -1.12 29.47
N VAL B 102 -18.27 -2.42 29.67
CA VAL B 102 -17.42 -3.23 28.81
C VAL B 102 -18.08 -3.27 27.46
N GLU B 103 -19.38 -3.57 27.45
CA GLU B 103 -20.16 -3.68 26.23
C GLU B 103 -20.05 -2.41 25.37
N HIS B 104 -20.32 -1.26 25.98
CA HIS B 104 -20.28 0.00 25.28
C HIS B 104 -18.88 0.32 24.74
N MSE B 105 -17.85 -0.18 25.40
CA MSE B 105 -16.49 0.13 25.01
C MSE B 105 -15.98 -0.86 23.97
O MSE B 105 -14.83 -0.79 23.53
CB MSE B 105 -15.57 0.13 26.22
CG MSE B 105 -14.19 0.78 26.01
SE MSE B 105 -12.73 -0.30 26.80
CE MSE B 105 -12.66 -1.75 25.43
N GLU B 106 -16.85 -1.80 23.60
CA GLU B 106 -16.56 -2.72 22.51
C GLU B 106 -17.37 -2.26 21.32
N LYS B 107 -18.54 -1.70 21.58
CA LYS B 107 -19.33 -1.08 20.53
C LYS B 107 -18.56 0.12 20.01
N MSE B 108 -17.91 0.86 20.90
CA MSE B 108 -17.09 2.00 20.52
C MSE B 108 -15.97 1.55 19.63
O MSE B 108 -15.68 2.14 18.59
CB MSE B 108 -16.50 2.69 21.75
CG MSE B 108 -16.60 4.19 21.69
SE MSE B 108 -18.48 4.69 21.45
CE MSE B 108 -18.29 6.59 20.95
N PHE B 109 -15.34 0.46 20.04
CA PHE B 109 -14.27 -0.17 19.30
C PHE B 109 -14.67 -0.50 17.88
N GLU B 110 -15.83 -1.15 17.73
CA GLU B 110 -16.29 -1.57 16.41
C GLU B 110 -16.27 -0.44 15.37
N GLU B 111 -16.57 0.79 15.79
CA GLU B 111 -16.49 1.93 14.87
C GLU B 111 -15.09 2.09 14.31
N THR B 112 -14.09 1.96 15.18
CA THR B 112 -12.68 2.06 14.79
C THR B 112 -12.31 1.00 13.77
N VAL B 113 -12.68 -0.24 14.03
CA VAL B 113 -12.38 -1.31 13.08
C VAL B 113 -13.01 -1.00 11.72
N LYS B 114 -14.28 -0.59 11.73
CA LYS B 114 -14.99 -0.27 10.50
C LYS B 114 -14.23 0.77 9.67
N GLU B 115 -13.68 1.77 10.35
CA GLU B 115 -12.76 2.77 9.75
C GLU B 115 -11.58 2.08 9.06
N LEU B 116 -10.88 1.27 9.83
CA LEU B 116 -9.70 0.58 9.37
C LEU B 116 -10.01 -0.27 8.15
N GLU B 117 -11.03 -1.11 8.28
CA GLU B 117 -11.54 -1.89 7.17
C GLU B 117 -11.67 -1.02 5.91
N ALA B 118 -12.22 0.18 6.05
CA ALA B 118 -12.44 1.08 4.91
C ALA B 118 -11.14 1.52 4.26
N LEU B 119 -10.09 1.63 5.07
CA LEU B 119 -8.77 1.99 4.57
C LEU B 119 -8.12 0.81 3.89
N SER B 120 -8.08 -0.33 4.57
CA SER B 120 -7.44 -1.52 4.00
C SER B 120 -8.10 -1.87 2.67
N ASP B 121 -9.39 -1.57 2.58
CA ASP B 121 -10.14 -1.77 1.36
C ASP B 121 -9.69 -0.82 0.27
N LYS B 122 -9.66 0.46 0.57
CA LYS B 122 -9.17 1.48 -0.36
C LYS B 122 -7.79 1.09 -0.87
N LEU B 123 -7.07 0.28 -0.09
CA LEU B 123 -5.67 -0.02 -0.34
C LEU B 123 -5.46 -1.22 -1.24
N ARG B 124 -6.14 -2.32 -0.95
CA ARG B 124 -6.08 -3.48 -1.80
C ARG B 124 -6.58 -3.06 -3.18
N GLU B 125 -7.46 -2.05 -3.20
CA GLU B 125 -7.96 -1.48 -4.43
C GLU B 125 -6.85 -0.78 -5.20
N ILE B 126 -6.05 0.04 -4.52
CA ILE B 126 -4.94 0.72 -5.16
C ILE B 126 -3.90 -0.32 -5.58
N SER B 127 -3.61 -1.25 -4.67
CA SER B 127 -2.68 -2.34 -4.88
C SER B 127 -2.96 -3.13 -6.15
N LYS B 128 -4.22 -3.49 -6.35
CA LYS B 128 -4.67 -4.17 -7.57
C LYS B 128 -4.41 -3.29 -8.80
N GLU B 129 -4.84 -2.03 -8.73
CA GLU B 129 -4.74 -1.11 -9.85
C GLU B 129 -3.30 -0.82 -10.25
N ILE B 130 -2.42 -0.82 -9.26
CA ILE B 130 -1.01 -0.63 -9.52
C ILE B 130 -0.46 -1.88 -10.19
N SER B 131 -0.54 -3.02 -9.50
CA SER B 131 0.03 -4.28 -9.99
C SER B 131 -0.51 -4.61 -11.37
N GLU B 132 -1.79 -4.33 -11.56
CA GLU B 132 -2.42 -4.47 -12.85
C GLU B 132 -1.70 -3.59 -13.89
N LEU B 133 -1.48 -2.31 -13.56
CA LEU B 133 -0.84 -1.37 -14.50
C LEU B 133 0.62 -1.71 -14.81
N VAL B 134 1.36 -2.21 -13.82
CA VAL B 134 2.77 -2.56 -14.00
C VAL B 134 2.86 -3.61 -15.11
N GLU B 135 1.92 -4.54 -15.11
CA GLU B 135 1.84 -5.52 -16.18
C GLU B 135 1.57 -4.81 -17.50
N ARG B 136 0.51 -4.01 -17.55
CA ARG B 136 0.16 -3.29 -18.77
C ARG B 136 1.32 -2.56 -19.42
N MSE B 137 2.32 -2.19 -18.60
CA MSE B 137 3.54 -1.57 -19.12
C MSE B 137 4.41 -2.62 -19.76
O MSE B 137 4.79 -2.49 -20.92
CB MSE B 137 4.35 -0.91 -18.03
CG MSE B 137 3.74 0.35 -17.47
SE MSE B 137 4.98 1.12 -16.20
CE MSE B 137 6.14 2.06 -17.47
N LYS B 138 4.71 -3.66 -18.98
CA LYS B 138 5.51 -4.78 -19.45
C LYS B 138 5.09 -5.14 -20.86
N GLN B 139 3.77 -5.20 -21.07
CA GLN B 139 3.21 -5.53 -22.36
C GLN B 139 3.62 -4.57 -23.47
N GLU B 140 3.34 -3.28 -23.26
CA GLU B 140 3.44 -2.29 -24.34
C GLU B 140 4.83 -1.69 -24.49
N TYR B 141 5.58 -1.62 -23.40
CA TYR B 141 6.84 -0.90 -23.38
C TYR B 141 8.09 -1.77 -23.24
N THR B 142 7.91 -3.06 -22.94
CA THR B 142 9.04 -3.98 -22.86
C THR B 142 8.80 -5.26 -23.62
N GLY B 143 9.79 -6.15 -23.56
CA GLY B 143 9.67 -7.50 -24.09
C GLY B 143 9.89 -8.55 -23.01
N LEU B 144 9.70 -8.16 -21.75
CA LEU B 144 9.87 -9.04 -20.61
C LEU B 144 8.82 -10.14 -20.57
N LYS B 145 9.00 -11.10 -19.65
CA LYS B 145 8.06 -12.19 -19.45
C LYS B 145 6.74 -11.71 -18.88
N LEU B 146 5.66 -11.97 -19.62
CA LEU B 146 4.33 -11.57 -19.22
C LEU B 146 3.67 -12.51 -18.20
N ARG B 147 2.38 -12.33 -17.96
CA ARG B 147 1.63 -13.17 -17.03
C ARG B 147 0.64 -14.06 -17.79
N SER B 148 0.90 -14.23 -19.09
CA SER B 148 0.02 -15.01 -19.95
C SER B 148 0.36 -16.51 -20.00
N ALA C 2 37.73 10.15 -16.66
CA ALA C 2 36.92 11.29 -17.16
C ALA C 2 35.47 10.89 -17.42
N PRO C 3 34.50 11.52 -16.71
CA PRO C 3 33.06 11.33 -17.05
C PRO C 3 32.62 12.20 -18.25
N LYS C 4 31.76 11.63 -19.11
CA LYS C 4 31.43 12.25 -20.39
C LYS C 4 29.98 12.02 -20.83
N LEU C 5 29.12 13.01 -20.60
CA LEU C 5 27.72 12.97 -21.01
C LEU C 5 27.55 13.02 -22.52
N MSE C 6 26.92 11.98 -23.06
CA MSE C 6 26.54 11.98 -24.47
C MSE C 6 25.12 11.49 -24.68
O MSE C 6 24.67 10.55 -24.03
CB MSE C 6 27.53 11.19 -25.32
CG MSE C 6 28.42 10.23 -24.55
SE MSE C 6 29.30 8.99 -25.75
CE MSE C 6 28.14 7.42 -25.50
N THR C 7 24.42 12.14 -25.60
CA THR C 7 23.01 11.87 -25.80
C THR C 7 22.79 10.80 -26.85
N GLY C 8 23.63 10.79 -27.88
CA GLY C 8 23.37 9.95 -29.04
C GLY C 8 22.29 10.61 -29.86
N PHE C 9 21.75 9.89 -30.84
CA PHE C 9 20.79 10.47 -31.78
C PHE C 9 19.47 10.82 -31.10
N VAL C 10 19.09 12.10 -31.20
CA VAL C 10 17.88 12.63 -30.59
C VAL C 10 17.36 13.78 -31.44
N ARG C 11 16.07 13.73 -31.77
CA ARG C 11 15.41 14.78 -32.54
C ARG C 11 15.57 16.13 -31.85
N ALA C 12 15.75 17.18 -32.65
CA ALA C 12 15.99 18.54 -32.16
C ALA C 12 15.05 18.99 -31.04
N SER C 13 13.76 18.71 -31.21
CA SER C 13 12.74 19.06 -30.23
C SER C 13 13.07 18.49 -28.86
N GLY C 14 13.42 17.22 -28.84
CA GLY C 14 13.66 16.50 -27.60
C GLY C 14 14.99 16.71 -26.91
N TYR C 15 15.98 17.24 -27.63
CA TYR C 15 17.34 17.36 -27.08
C TYR C 15 17.29 17.80 -25.61
N ALA C 16 16.47 18.82 -25.34
CA ALA C 16 16.43 19.47 -24.05
C ALA C 16 16.30 18.44 -22.92
N ASN C 17 15.22 17.65 -22.99
CA ASN C 17 14.97 16.58 -22.05
C ASN C 17 16.14 15.62 -22.01
N LYS C 18 16.38 14.96 -23.15
CA LYS C 18 17.30 13.84 -23.22
C LYS C 18 18.58 14.08 -22.45
N VAL C 19 19.17 15.27 -22.60
CA VAL C 19 20.41 15.54 -21.88
C VAL C 19 20.16 15.50 -20.37
N ARG C 20 19.13 16.20 -19.89
CA ARG C 20 18.77 16.15 -18.47
C ARG C 20 18.54 14.70 -18.00
N ARG C 21 17.79 13.92 -18.79
CA ARG C 21 17.59 12.52 -18.47
C ARG C 21 18.93 11.78 -18.37
N VAL C 22 19.82 12.04 -19.33
CA VAL C 22 21.12 11.36 -19.35
C VAL C 22 22.01 11.84 -18.20
N LEU C 23 21.84 13.09 -17.78
CA LEU C 23 22.62 13.65 -16.68
C LEU C 23 22.24 13.04 -15.33
N PHE C 24 20.95 12.84 -15.11
CA PHE C 24 20.44 12.15 -13.91
C PHE C 24 21.00 10.75 -13.85
N ALA C 25 20.79 10.03 -14.94
CA ALA C 25 21.18 8.63 -15.08
C ALA C 25 22.68 8.42 -14.87
N ILE C 26 23.48 9.33 -15.40
CA ILE C 26 24.92 9.27 -15.25
C ILE C 26 25.41 9.62 -13.83
N THR C 27 24.85 10.67 -13.22
CA THR C 27 25.32 11.11 -11.91
C THR C 27 24.46 10.62 -10.75
N ARG C 28 24.00 9.37 -10.83
CA ARG C 28 23.09 8.82 -9.82
C ARG C 28 23.74 8.74 -8.43
N GLY C 29 23.06 9.34 -7.45
CA GLY C 29 23.52 9.35 -6.05
C GLY C 29 24.77 10.18 -5.78
N LYS C 30 25.32 10.78 -6.83
CA LYS C 30 26.49 11.64 -6.73
C LYS C 30 26.11 13.09 -6.37
N VAL C 31 24.99 13.57 -6.93
CA VAL C 31 24.50 14.93 -6.68
C VAL C 31 23.00 15.02 -6.44
N PHE C 32 22.61 15.96 -5.58
CA PHE C 32 21.21 16.25 -5.32
C PHE C 32 20.53 16.70 -6.62
N PRO C 33 19.29 16.23 -6.86
CA PRO C 33 18.53 16.52 -8.08
C PRO C 33 18.40 18.01 -8.45
N GLU C 34 18.29 18.88 -7.43
CA GLU C 34 18.18 20.32 -7.64
C GLU C 34 19.38 20.83 -8.41
N GLU C 35 20.58 20.38 -8.00
CA GLU C 35 21.81 20.71 -8.70
C GLU C 35 21.73 20.21 -10.14
N VAL C 36 21.34 18.94 -10.30
CA VAL C 36 21.24 18.35 -11.64
C VAL C 36 20.34 19.20 -12.54
N VAL C 37 19.15 19.53 -12.05
CA VAL C 37 18.20 20.29 -12.86
C VAL C 37 18.67 21.71 -13.17
N LYS C 38 19.40 22.34 -12.24
CA LYS C 38 19.99 23.64 -12.50
C LYS C 38 21.08 23.51 -13.56
N ALA C 39 21.94 22.50 -13.37
CA ALA C 39 23.08 22.28 -14.26
C ALA C 39 22.62 21.97 -15.67
N ALA C 40 21.70 21.02 -15.81
CA ALA C 40 21.11 20.72 -17.10
C ALA C 40 20.48 21.99 -17.67
N GLY C 41 19.72 22.70 -16.82
CA GLY C 41 19.16 23.99 -17.17
C GLY C 41 20.17 24.95 -17.78
N GLU C 42 21.32 25.08 -17.11
CA GLU C 42 22.41 25.96 -17.58
C GLU C 42 23.03 25.54 -18.91
N LEU C 43 23.36 24.26 -19.07
CA LEU C 43 23.90 23.77 -20.32
C LEU C 43 22.84 23.87 -21.40
N ASN C 44 21.62 23.44 -21.11
CA ASN C 44 20.57 23.39 -22.12
C ASN C 44 20.29 24.73 -22.80
N LYS C 45 20.40 25.82 -22.05
CA LYS C 45 20.28 27.16 -22.65
C LYS C 45 21.50 27.49 -23.52
N ILE C 46 22.68 27.10 -23.06
CA ILE C 46 23.91 27.29 -23.81
C ILE C 46 23.86 26.54 -25.15
N ILE C 47 23.36 25.30 -25.11
CA ILE C 47 23.27 24.50 -26.33
C ILE C 47 22.14 24.97 -27.23
N PHE C 48 21.20 25.72 -26.68
CA PHE C 48 20.12 26.27 -27.48
C PHE C 48 20.64 27.40 -28.36
N GLU C 49 21.42 28.29 -27.75
CA GLU C 49 22.05 29.39 -28.46
C GLU C 49 22.82 28.79 -29.61
N LYS C 50 23.73 27.88 -29.28
CA LYS C 50 24.58 27.22 -30.26
C LYS C 50 23.76 26.50 -31.34
N LEU C 51 22.58 26.05 -30.95
CA LEU C 51 21.72 25.27 -31.82
C LEU C 51 21.02 26.16 -32.83
N GLN C 52 20.82 27.41 -32.45
CA GLN C 52 20.25 28.39 -33.36
C GLN C 52 21.28 28.87 -34.38
N GLU C 53 22.49 29.16 -33.91
CA GLU C 53 23.60 29.57 -34.77
C GLU C 53 23.76 28.58 -35.92
N MSE C 54 23.66 27.28 -35.60
CA MSE C 54 23.77 26.21 -36.58
C MSE C 54 22.59 26.17 -37.54
O MSE C 54 22.65 25.47 -38.54
CB MSE C 54 23.89 24.87 -35.86
CG MSE C 54 25.29 24.32 -35.82
SE MSE C 54 25.61 23.35 -34.17
CE MSE C 54 26.81 24.60 -33.28
N GLY C 55 21.53 26.90 -37.21
CA GLY C 55 20.32 26.93 -38.04
C GLY C 55 19.60 25.60 -38.11
N VAL C 56 19.29 25.04 -36.94
CA VAL C 56 18.63 23.74 -36.88
C VAL C 56 17.14 23.91 -36.66
N LYS C 57 16.36 23.28 -37.55
CA LYS C 57 14.91 23.24 -37.41
C LYS C 57 14.48 22.16 -36.42
N LYS C 58 13.19 22.19 -36.09
CA LYS C 58 12.60 21.27 -35.13
C LYS C 58 12.83 19.82 -35.49
N GLU C 59 12.67 19.50 -36.78
CA GLU C 59 12.65 18.12 -37.29
C GLU C 59 14.00 17.45 -37.33
N ASP C 60 15.06 18.24 -37.45
CA ASP C 60 16.40 17.69 -37.60
C ASP C 60 16.83 16.89 -36.36
N VAL C 61 17.90 16.10 -36.51
CA VAL C 61 18.42 15.26 -35.44
C VAL C 61 19.80 15.76 -35.01
N VAL C 62 20.05 15.78 -33.71
CA VAL C 62 21.37 16.17 -33.21
C VAL C 62 22.00 15.08 -32.34
N ARG C 63 23.32 15.15 -32.19
CA ARG C 63 24.03 14.31 -31.21
C ARG C 63 24.86 15.26 -30.36
N ILE C 64 25.00 14.94 -29.09
CA ILE C 64 25.71 15.83 -28.16
C ILE C 64 26.73 15.08 -27.30
N SER C 65 27.89 15.70 -27.10
CA SER C 65 28.92 15.17 -26.21
C SER C 65 29.48 16.32 -25.38
N VAL C 66 29.74 16.08 -24.10
CA VAL C 66 30.30 17.07 -23.19
C VAL C 66 31.14 16.39 -22.10
N ASP C 67 32.22 17.03 -21.69
CA ASP C 67 32.95 16.61 -20.50
C ASP C 67 32.49 17.44 -19.30
N PHE C 68 32.46 16.82 -18.13
CA PHE C 68 32.01 17.47 -16.89
C PHE C 68 32.65 16.80 -15.69
N ASN C 69 32.81 17.55 -14.61
CA ASN C 69 33.38 17.01 -13.37
C ASN C 69 32.57 17.36 -12.13
N ILE C 70 32.54 16.43 -11.17
CA ILE C 70 31.80 16.62 -9.92
C ILE C 70 32.71 17.20 -8.85
N GLU C 71 32.36 18.39 -8.36
CA GLU C 71 33.20 19.13 -7.44
C GLU C 71 32.40 19.65 -6.25
N ASP C 72 32.59 19.02 -5.11
CA ASP C 72 31.99 19.44 -3.84
C ASP C 72 30.46 19.32 -3.84
N GLY C 73 29.92 18.53 -4.78
CA GLY C 73 28.48 18.37 -4.94
C GLY C 73 27.88 19.33 -5.96
N LYS C 74 28.71 19.80 -6.90
CA LYS C 74 28.26 20.65 -8.00
C LYS C 74 28.75 20.04 -9.31
N ILE C 75 28.01 20.26 -10.39
CA ILE C 75 28.40 19.74 -11.71
C ILE C 75 28.92 20.86 -12.57
N VAL C 76 30.22 20.84 -12.83
CA VAL C 76 30.87 21.84 -13.68
C VAL C 76 31.34 21.16 -14.97
N TRP C 77 31.20 21.86 -16.10
CA TRP C 77 31.64 21.34 -17.38
C TRP C 77 32.62 22.24 -18.11
N ASN C 78 33.56 21.60 -18.79
CA ASN C 78 34.35 22.25 -19.82
C ASN C 78 33.46 22.53 -21.00
N LEU C 79 33.01 23.78 -21.09
CA LEU C 79 32.05 24.17 -22.12
C LEU C 79 32.71 24.17 -23.49
N ASP C 80 34.03 24.28 -23.51
CA ASP C 80 34.82 24.19 -24.75
C ASP C 80 35.06 22.73 -25.15
N SER C 81 34.66 21.80 -24.29
CA SER C 81 34.61 20.39 -24.63
C SER C 81 33.31 20.04 -25.37
N LEU C 82 32.36 20.98 -25.34
CA LEU C 82 31.04 20.80 -25.96
C LEU C 82 31.13 20.59 -27.46
N GLU C 83 30.57 19.47 -27.91
CA GLU C 83 30.70 19.05 -29.29
C GLU C 83 29.32 18.59 -29.81
N ILE C 84 28.83 19.27 -30.86
CA ILE C 84 27.50 19.01 -31.41
C ILE C 84 27.57 18.59 -32.86
N GLU C 85 26.69 17.68 -33.26
CA GLU C 85 26.51 17.33 -34.67
C GLU C 85 25.07 17.53 -35.07
N THR C 86 24.83 17.92 -36.31
CA THR C 86 23.47 18.18 -36.78
C THR C 86 23.21 17.43 -38.07
N TYR C 87 21.98 16.94 -38.26
CA TYR C 87 21.64 16.14 -39.43
C TYR C 87 20.29 16.53 -40.04
N LYS C 88 20.29 17.58 -40.87
CA LYS C 88 19.06 18.10 -41.46
C LYS C 88 18.20 17.04 -42.14
N LYS C 89 16.89 17.19 -42.00
CA LYS C 89 15.94 16.17 -42.42
C LYS C 89 16.14 15.68 -43.86
N GLU C 90 16.37 16.60 -44.80
CA GLU C 90 16.50 16.21 -46.21
C GLU C 90 17.73 15.34 -46.48
N GLU C 91 18.78 15.48 -45.67
CA GLU C 91 19.99 14.64 -45.82
C GLU C 91 19.75 13.18 -45.43
N GLU C 92 19.37 12.97 -44.17
CA GLU C 92 18.99 11.65 -43.69
C GLU C 92 17.49 11.67 -43.43
N GLU C 93 16.73 11.61 -44.51
CA GLU C 93 15.27 11.66 -44.47
C GLU C 93 14.72 10.44 -43.73
N LYS C 94 15.46 9.34 -43.88
CA LYS C 94 15.12 8.06 -43.28
C LYS C 94 15.39 8.06 -41.77
N LEU C 95 16.46 8.72 -41.33
CA LEU C 95 16.78 8.79 -39.90
C LEU C 95 15.86 9.75 -39.14
N ALA C 96 15.60 10.90 -39.76
CA ALA C 96 14.78 11.95 -39.17
C ALA C 96 13.40 11.44 -38.79
N LEU C 97 12.77 10.71 -39.70
CA LEU C 97 11.48 10.07 -39.46
C LEU C 97 11.56 9.08 -38.30
N ALA C 98 12.67 8.35 -38.22
CA ALA C 98 12.87 7.36 -37.17
C ALA C 98 12.95 8.03 -35.81
N MSE C 99 13.66 9.14 -35.72
CA MSE C 99 13.81 9.82 -34.44
C MSE C 99 12.55 10.52 -34.00
O MSE C 99 12.37 10.85 -32.83
CB MSE C 99 14.97 10.79 -34.47
CG MSE C 99 15.77 10.71 -33.21
SE MSE C 99 16.81 9.05 -33.09
CE MSE C 99 15.48 7.65 -33.35
N GLU C 100 11.69 10.76 -34.98
CA GLU C 100 10.38 11.35 -34.78
C GLU C 100 9.48 10.35 -34.08
N GLU C 101 9.56 9.09 -34.51
CA GLU C 101 8.79 7.99 -33.94
C GLU C 101 9.20 7.71 -32.50
N VAL C 102 10.50 7.71 -32.24
CA VAL C 102 11.01 7.56 -30.88
C VAL C 102 10.58 8.73 -30.00
N GLU C 103 10.39 9.90 -30.60
CA GLU C 103 9.90 11.04 -29.84
C GLU C 103 8.45 10.83 -29.45
N HIS C 104 7.57 10.65 -30.43
CA HIS C 104 6.14 10.40 -30.19
C HIS C 104 5.95 9.21 -29.26
N MSE C 105 6.83 8.21 -29.34
CA MSE C 105 6.71 7.06 -28.47
C MSE C 105 6.95 7.45 -27.02
O MSE C 105 6.14 7.14 -26.16
CB MSE C 105 7.65 5.93 -28.86
CG MSE C 105 7.29 4.59 -28.23
SE MSE C 105 8.50 3.82 -26.86
CE MSE C 105 8.57 5.18 -25.46
N GLU C 106 8.07 8.11 -26.76
CA GLU C 106 8.39 8.50 -25.40
C GLU C 106 7.32 9.40 -24.81
N LYS C 107 6.55 10.07 -25.66
CA LYS C 107 5.46 10.93 -25.20
C LYS C 107 4.24 10.09 -24.86
N MSE C 108 4.05 9.01 -25.60
CA MSE C 108 2.97 8.06 -25.30
C MSE C 108 3.28 7.35 -23.99
O MSE C 108 2.38 6.94 -23.26
CB MSE C 108 2.80 7.06 -26.43
CG MSE C 108 1.35 6.93 -26.89
SE MSE C 108 0.56 8.67 -27.40
CE MSE C 108 -1.31 8.09 -27.61
N PHE C 109 4.56 7.24 -23.69
CA PHE C 109 5.02 6.66 -22.44
C PHE C 109 4.60 7.50 -21.26
N GLU C 110 4.89 8.81 -21.33
CA GLU C 110 4.74 9.72 -20.18
C GLU C 110 3.35 9.71 -19.60
N GLU C 111 2.36 9.56 -20.47
CA GLU C 111 0.96 9.48 -20.05
C GLU C 111 0.72 8.29 -19.13
N THR C 112 1.58 7.26 -19.25
CA THR C 112 1.56 6.11 -18.36
C THR C 112 2.20 6.42 -17.02
N VAL C 113 3.45 6.91 -17.03
CA VAL C 113 4.11 7.31 -15.78
C VAL C 113 3.26 8.30 -14.98
N LYS C 114 2.59 9.21 -15.69
CA LYS C 114 1.64 10.13 -15.07
C LYS C 114 0.57 9.37 -14.29
N GLU C 115 -0.04 8.38 -14.94
CA GLU C 115 -1.02 7.53 -14.29
C GLU C 115 -0.43 6.83 -13.08
N LEU C 116 0.76 6.23 -13.26
CA LEU C 116 1.42 5.48 -12.22
C LEU C 116 1.61 6.41 -11.05
N GLU C 117 2.08 7.61 -11.35
CA GLU C 117 2.31 8.58 -10.31
C GLU C 117 1.05 8.83 -9.51
N ALA C 118 -0.07 8.99 -10.20
CA ALA C 118 -1.34 9.21 -9.53
C ALA C 118 -1.61 8.09 -8.56
N LEU C 119 -1.24 6.88 -8.95
CA LEU C 119 -1.50 5.74 -8.10
C LEU C 119 -0.54 5.76 -6.92
N SER C 120 0.75 6.00 -7.19
CA SER C 120 1.73 6.01 -6.12
C SER C 120 1.34 6.99 -5.01
N ASP C 121 0.94 8.19 -5.43
CA ASP C 121 0.46 9.24 -4.52
C ASP C 121 -0.71 8.73 -3.68
N LYS C 122 -1.78 8.35 -4.36
CA LYS C 122 -3.01 7.90 -3.73
C LYS C 122 -2.70 6.86 -2.68
N LEU C 123 -1.72 6.01 -3.00
CA LEU C 123 -1.24 4.98 -2.10
C LEU C 123 -0.56 5.61 -0.89
N ARG C 124 0.45 6.43 -1.16
CA ARG C 124 1.20 7.05 -0.09
C ARG C 124 0.22 7.67 0.91
N GLU C 125 -0.86 8.23 0.40
CA GLU C 125 -1.89 8.82 1.23
C GLU C 125 -2.51 7.80 2.18
N ILE C 126 -2.91 6.65 1.65
CA ILE C 126 -3.54 5.60 2.45
C ILE C 126 -2.54 5.14 3.48
N SER C 127 -1.30 4.95 3.06
CA SER C 127 -0.25 4.59 3.99
C SER C 127 -0.22 5.51 5.19
N LYS C 128 -0.24 6.81 4.91
CA LYS C 128 -0.23 7.84 5.93
C LYS C 128 -1.47 7.78 6.82
N GLU C 129 -2.63 7.60 6.20
CA GLU C 129 -3.89 7.56 6.93
C GLU C 129 -3.94 6.32 7.83
N ILE C 130 -3.51 5.18 7.27
CA ILE C 130 -3.51 3.92 8.00
C ILE C 130 -2.54 4.03 9.15
N SER C 131 -1.32 4.47 8.85
CA SER C 131 -0.27 4.48 9.84
C SER C 131 -0.65 5.40 11.00
N GLU C 132 -1.41 6.44 10.68
CA GLU C 132 -1.94 7.30 11.70
C GLU C 132 -3.04 6.61 12.50
N LEU C 133 -4.01 6.02 11.81
CA LEU C 133 -5.09 5.27 12.49
C LEU C 133 -4.51 4.29 13.52
N VAL C 134 -3.39 3.68 13.19
CA VAL C 134 -2.73 2.73 14.08
C VAL C 134 -2.33 3.43 15.37
N GLU C 135 -1.76 4.63 15.26
CA GLU C 135 -1.34 5.39 16.44
C GLU C 135 -2.55 5.76 17.28
N ARG C 136 -3.62 6.21 16.65
CA ARG C 136 -4.85 6.55 17.36
C ARG C 136 -5.36 5.36 18.17
N MSE C 137 -5.24 4.15 17.63
CA MSE C 137 -5.65 2.95 18.36
C MSE C 137 -4.78 2.71 19.56
O MSE C 137 -5.27 2.30 20.60
CB MSE C 137 -5.56 1.73 17.47
CG MSE C 137 -6.58 1.67 16.35
SE MSE C 137 -6.62 -0.12 15.51
CE MSE C 137 -6.27 -1.30 17.03
N LYS C 138 -3.48 2.95 19.37
CA LYS C 138 -2.51 2.77 20.44
C LYS C 138 -2.86 3.66 21.63
N GLN C 139 -3.15 4.91 21.35
CA GLN C 139 -3.40 5.87 22.40
C GLN C 139 -4.77 5.68 23.04
N GLU C 140 -5.75 5.24 22.25
CA GLU C 140 -7.13 5.11 22.72
C GLU C 140 -7.44 3.75 23.39
N TYR C 141 -6.83 2.68 22.88
CA TYR C 141 -7.22 1.31 23.23
C TYR C 141 -6.16 0.47 23.95
N THR C 142 -4.94 0.99 24.03
CA THR C 142 -3.83 0.25 24.63
C THR C 142 -2.94 1.14 25.49
N GLY C 143 -2.14 0.50 26.32
CA GLY C 143 -1.19 1.23 27.14
C GLY C 143 0.22 1.16 26.59
N LEU C 144 0.35 0.92 25.29
CA LEU C 144 1.64 0.79 24.63
C LEU C 144 2.38 2.12 24.57
N LYS C 145 3.67 2.07 24.25
CA LYS C 145 4.48 3.27 24.08
C LYS C 145 4.02 4.02 22.83
N LEU C 146 3.92 5.35 22.93
CA LEU C 146 3.42 6.17 21.84
C LEU C 146 4.51 7.07 21.23
N ARG C 147 4.25 7.51 19.99
CA ARG C 147 5.07 8.49 19.29
C ARG C 147 5.21 9.82 20.06
N SER C 148 4.46 9.95 21.15
CA SER C 148 4.38 11.20 21.93
C SER C 148 5.06 11.13 23.31
N GLU C 149 5.91 10.15 23.54
CA GLU C 149 6.57 9.99 24.85
C GLU C 149 8.08 10.20 24.78
N ALA D 2 -11.15 -1.61 -42.06
CA ALA D 2 -9.96 -2.50 -42.01
C ALA D 2 -8.79 -1.83 -41.28
N PRO D 3 -8.70 -2.01 -39.93
CA PRO D 3 -7.58 -1.47 -39.14
C PRO D 3 -6.25 -2.20 -39.42
N LYS D 4 -5.13 -1.56 -39.09
CA LYS D 4 -3.80 -2.12 -39.43
C LYS D 4 -2.70 -1.86 -38.38
N LEU D 5 -1.81 -2.84 -38.24
CA LEU D 5 -0.61 -2.71 -37.41
C LEU D 5 0.60 -2.36 -38.26
N MSE D 6 1.29 -1.29 -37.87
CA MSE D 6 2.58 -0.95 -38.46
C MSE D 6 3.56 -0.66 -37.35
O MSE D 6 3.20 -0.01 -36.36
CB MSE D 6 2.46 0.22 -39.44
CG MSE D 6 1.68 1.41 -38.93
SE MSE D 6 0.80 2.43 -40.35
CE MSE D 6 0.36 4.04 -39.33
N THR D 7 4.79 -1.12 -37.49
CA THR D 7 5.76 -1.04 -36.40
C THR D 7 6.54 0.26 -36.36
N GLY D 8 6.99 0.72 -37.52
CA GLY D 8 7.96 1.80 -37.59
C GLY D 8 9.38 1.26 -37.53
N PHE D 9 10.36 2.13 -37.78
CA PHE D 9 11.76 1.71 -37.79
C PHE D 9 12.13 1.02 -36.48
N VAL D 10 12.61 -0.21 -36.62
CA VAL D 10 12.99 -1.03 -35.48
C VAL D 10 14.13 -1.97 -35.87
N ARG D 11 15.11 -2.11 -34.97
CA ARG D 11 16.23 -2.98 -35.20
C ARG D 11 15.77 -4.43 -35.30
N ALA D 12 16.34 -5.16 -36.26
CA ALA D 12 16.07 -6.60 -36.44
C ALA D 12 16.21 -7.38 -35.13
N SER D 13 17.24 -7.02 -34.36
CA SER D 13 17.49 -7.59 -33.03
C SER D 13 16.20 -7.76 -32.20
N GLY D 14 15.47 -6.68 -32.02
CA GLY D 14 14.22 -6.72 -31.24
C GLY D 14 12.99 -6.40 -32.06
N TYR D 15 12.85 -7.05 -33.21
CA TYR D 15 11.65 -6.90 -34.04
C TYR D 15 10.48 -7.64 -33.41
N ALA D 16 10.76 -8.84 -32.89
CA ALA D 16 9.75 -9.72 -32.31
C ALA D 16 9.07 -9.02 -31.15
N ASN D 17 9.87 -8.39 -30.29
CA ASN D 17 9.36 -7.64 -29.15
C ASN D 17 8.44 -6.53 -29.62
N LYS D 18 8.95 -5.67 -30.50
CA LYS D 18 8.21 -4.50 -30.96
C LYS D 18 6.81 -4.81 -31.51
N VAL D 19 6.69 -5.85 -32.36
CA VAL D 19 5.37 -6.18 -32.92
C VAL D 19 4.34 -6.53 -31.84
N ARG D 20 4.81 -7.22 -30.79
CA ARG D 20 3.97 -7.59 -29.65
C ARG D 20 3.59 -6.36 -28.81
N ARG D 21 4.56 -5.49 -28.59
CA ARG D 21 4.32 -4.22 -27.94
C ARG D 21 3.18 -3.47 -28.64
N VAL D 22 3.30 -3.30 -29.96
CA VAL D 22 2.34 -2.51 -30.75
C VAL D 22 0.95 -3.13 -30.82
N LEU D 23 0.91 -4.46 -30.86
CA LEU D 23 -0.35 -5.17 -30.98
C LEU D 23 -1.26 -4.90 -29.78
N PHE D 24 -0.73 -5.08 -28.57
CA PHE D 24 -1.46 -4.78 -27.33
C PHE D 24 -2.10 -3.41 -27.37
N ALA D 25 -1.31 -2.45 -27.86
CA ALA D 25 -1.71 -1.06 -27.95
C ALA D 25 -2.98 -0.88 -28.80
N ILE D 26 -2.91 -1.31 -30.05
CA ILE D 26 -4.02 -1.14 -30.99
C ILE D 26 -5.26 -2.00 -30.66
N THR D 27 -5.13 -2.84 -29.63
CA THR D 27 -6.19 -3.82 -29.29
C THR D 27 -6.60 -3.86 -27.81
N ARG D 28 -6.30 -2.79 -27.06
CA ARG D 28 -6.63 -2.73 -25.63
C ARG D 28 -8.13 -2.85 -25.35
N GLY D 29 -8.49 -3.73 -24.43
CA GLY D 29 -9.89 -3.89 -23.96
C GLY D 29 -10.88 -4.50 -24.95
N LYS D 30 -10.37 -5.05 -26.05
CA LYS D 30 -11.19 -5.68 -27.09
C LYS D 30 -10.84 -7.17 -27.20
N VAL D 31 -9.59 -7.48 -26.88
CA VAL D 31 -9.05 -8.82 -26.98
C VAL D 31 -8.52 -9.21 -25.59
N PHE D 32 -8.04 -10.44 -25.48
CA PHE D 32 -7.43 -10.93 -24.25
C PHE D 32 -5.93 -11.07 -24.51
N PRO D 33 -5.09 -10.90 -23.47
CA PRO D 33 -3.63 -11.04 -23.61
C PRO D 33 -3.22 -12.43 -24.11
N GLU D 34 -3.95 -13.45 -23.67
CA GLU D 34 -3.74 -14.82 -24.11
C GLU D 34 -3.86 -14.91 -25.64
N GLU D 35 -4.91 -14.30 -26.19
CA GLU D 35 -5.11 -14.29 -27.65
C GLU D 35 -4.11 -13.39 -28.36
N VAL D 36 -3.68 -12.33 -27.69
CA VAL D 36 -2.71 -11.42 -28.28
C VAL D 36 -1.31 -12.06 -28.30
N VAL D 37 -0.86 -12.57 -27.16
CA VAL D 37 0.48 -13.17 -27.06
C VAL D 37 0.65 -14.36 -28.03
N LYS D 38 -0.47 -15.02 -28.34
CA LYS D 38 -0.51 -16.17 -29.24
C LYS D 38 -0.36 -15.76 -30.71
N ALA D 39 -1.16 -14.77 -31.13
CA ALA D 39 -1.12 -14.28 -32.50
C ALA D 39 0.17 -13.50 -32.81
N ALA D 40 0.72 -12.83 -31.79
CA ALA D 40 1.97 -12.09 -31.90
C ALA D 40 3.17 -13.03 -32.03
N GLY D 41 3.04 -14.24 -31.48
CA GLY D 41 4.04 -15.29 -31.66
C GLY D 41 3.87 -15.99 -33.01
N GLU D 42 2.62 -16.11 -33.45
CA GLU D 42 2.28 -16.73 -34.73
C GLU D 42 2.72 -15.89 -35.93
N LEU D 43 2.40 -14.60 -35.90
CA LEU D 43 2.72 -13.69 -37.00
C LEU D 43 4.21 -13.39 -37.09
N ASN D 44 4.91 -13.39 -35.95
CA ASN D 44 6.34 -13.09 -35.95
C ASN D 44 7.21 -14.30 -36.39
N LYS D 45 6.64 -15.50 -36.31
CA LYS D 45 7.25 -16.70 -36.90
C LYS D 45 7.21 -16.63 -38.44
N ILE D 46 6.06 -16.22 -38.97
CA ILE D 46 5.85 -15.99 -40.40
C ILE D 46 6.84 -14.95 -40.93
N ILE D 47 7.06 -13.89 -40.16
CA ILE D 47 8.09 -12.91 -40.48
C ILE D 47 9.47 -13.56 -40.46
N PHE D 48 9.76 -14.34 -39.43
CA PHE D 48 11.08 -14.95 -39.26
C PHE D 48 11.50 -15.85 -40.44
N GLU D 49 10.56 -16.61 -40.99
CA GLU D 49 10.84 -17.45 -42.17
C GLU D 49 10.96 -16.65 -43.45
N LYS D 50 10.29 -15.50 -43.50
CA LYS D 50 10.47 -14.53 -44.57
C LYS D 50 11.74 -13.72 -44.34
N LEU D 51 12.21 -13.69 -43.09
CA LEU D 51 13.37 -12.90 -42.67
C LEU D 51 14.70 -13.57 -43.00
N GLN D 52 14.77 -14.88 -42.82
CA GLN D 52 15.94 -15.66 -43.25
C GLN D 52 15.98 -15.71 -44.77
N GLU D 53 14.78 -15.69 -45.37
CA GLU D 53 14.58 -15.67 -46.81
C GLU D 53 15.17 -14.43 -47.47
N MSE D 54 15.11 -13.29 -46.75
CA MSE D 54 15.70 -12.04 -47.24
C MSE D 54 17.21 -12.02 -47.02
O MSE D 54 17.92 -11.25 -47.66
CB MSE D 54 15.10 -10.83 -46.52
CG MSE D 54 13.63 -10.93 -46.14
SE MSE D 54 12.43 -9.87 -47.24
CE MSE D 54 10.74 -10.35 -46.37
N GLY D 55 17.69 -12.87 -46.12
CA GLY D 55 19.09 -12.88 -45.72
C GLY D 55 19.48 -11.65 -44.91
N VAL D 56 18.58 -11.19 -44.06
CA VAL D 56 18.79 -10.00 -43.22
C VAL D 56 19.41 -10.31 -41.84
N LYS D 57 20.53 -9.65 -41.57
CA LYS D 57 21.32 -9.84 -40.34
C LYS D 57 20.62 -9.19 -39.13
N LYS D 58 21.17 -9.38 -37.93
CA LYS D 58 20.52 -8.89 -36.70
C LYS D 58 20.84 -7.43 -36.30
N GLU D 59 21.74 -6.79 -37.04
CA GLU D 59 22.11 -5.37 -36.82
C GLU D 59 21.30 -4.43 -37.70
N ASP D 60 20.49 -5.02 -38.58
CA ASP D 60 19.74 -4.28 -39.59
C ASP D 60 18.45 -3.66 -39.06
N VAL D 61 17.74 -2.94 -39.94
CA VAL D 61 16.51 -2.23 -39.56
C VAL D 61 15.40 -2.54 -40.55
N VAL D 62 14.16 -2.63 -40.04
CA VAL D 62 13.05 -3.13 -40.83
C VAL D 62 11.72 -2.42 -40.52
N ARG D 63 10.88 -2.28 -41.55
CA ARG D 63 9.50 -1.77 -41.41
C ARG D 63 8.46 -2.86 -41.70
N ILE D 64 7.50 -3.05 -40.79
CA ILE D 64 6.45 -4.09 -40.94
C ILE D 64 5.04 -3.50 -40.86
N SER D 65 4.21 -3.82 -41.85
CA SER D 65 2.83 -3.34 -41.89
C SER D 65 1.89 -4.43 -42.40
N VAL D 66 0.98 -4.89 -41.54
CA VAL D 66 -0.04 -5.88 -41.94
C VAL D 66 -1.45 -5.39 -41.63
N ASP D 67 -2.42 -5.76 -42.45
CA ASP D 67 -3.83 -5.56 -42.12
C ASP D 67 -4.23 -6.66 -41.14
N PHE D 68 -5.37 -6.46 -40.46
CA PHE D 68 -5.86 -7.46 -39.50
C PHE D 68 -7.35 -7.22 -39.23
N ASN D 69 -8.01 -8.22 -38.64
CA ASN D 69 -9.43 -8.10 -38.29
C ASN D 69 -9.81 -8.88 -37.03
N ILE D 70 -10.71 -8.31 -36.23
CA ILE D 70 -11.16 -8.94 -34.98
C ILE D 70 -12.51 -9.64 -35.14
N GLU D 71 -12.53 -10.93 -34.80
CA GLU D 71 -13.70 -11.81 -35.00
C GLU D 71 -14.06 -12.51 -33.70
N ASP D 72 -15.09 -12.03 -33.02
CA ASP D 72 -15.53 -12.59 -31.74
C ASP D 72 -14.39 -12.78 -30.73
N GLY D 73 -13.61 -11.71 -30.54
CA GLY D 73 -12.48 -11.74 -29.61
C GLY D 73 -11.21 -12.34 -30.21
N LYS D 74 -11.36 -13.07 -31.31
CA LYS D 74 -10.22 -13.71 -31.96
C LYS D 74 -9.50 -12.71 -32.86
N ILE D 75 -8.25 -13.02 -33.20
CA ILE D 75 -7.42 -12.12 -33.99
C ILE D 75 -7.01 -12.77 -35.33
N VAL D 76 -7.42 -12.16 -36.44
CA VAL D 76 -7.18 -12.76 -37.74
C VAL D 76 -6.65 -11.76 -38.78
N TRP D 77 -5.79 -12.24 -39.66
CA TRP D 77 -5.13 -11.40 -40.67
C TRP D 77 -4.87 -12.16 -41.95
N ASN D 78 -5.22 -11.56 -43.09
CA ASN D 78 -4.79 -12.09 -44.37
C ASN D 78 -3.32 -11.78 -44.56
N LEU D 79 -2.53 -12.81 -44.81
CA LEU D 79 -1.07 -12.71 -44.84
C LEU D 79 -0.53 -12.01 -46.08
N ASP D 80 -1.26 -12.10 -47.19
CA ASP D 80 -0.87 -11.41 -48.42
C ASP D 80 -1.11 -9.89 -48.34
N SER D 81 -1.47 -9.43 -47.13
CA SER D 81 -1.53 -8.00 -46.81
C SER D 81 -0.24 -7.53 -46.13
N LEU D 82 0.48 -8.48 -45.52
CA LEU D 82 1.78 -8.22 -44.89
C LEU D 82 2.78 -7.61 -45.88
N GLU D 83 3.58 -6.67 -45.39
CA GLU D 83 4.56 -5.98 -46.23
C GLU D 83 5.78 -5.61 -45.38
N ILE D 84 6.91 -6.25 -45.68
CA ILE D 84 8.14 -6.05 -44.92
C ILE D 84 9.19 -5.26 -45.73
N GLU D 85 9.61 -4.11 -45.20
CA GLU D 85 10.73 -3.38 -45.80
C GLU D 85 12.04 -3.74 -45.12
N THR D 86 13.11 -3.80 -45.92
CA THR D 86 14.42 -4.22 -45.45
C THR D 86 15.42 -3.07 -45.58
N TYR D 87 16.26 -2.88 -44.57
CA TYR D 87 17.30 -1.83 -44.59
C TYR D 87 18.64 -2.33 -44.03
N LYS D 88 19.60 -2.59 -44.92
CA LYS D 88 20.91 -3.12 -44.53
C LYS D 88 21.78 -2.11 -43.77
N LYS D 89 22.46 -2.57 -42.73
CA LYS D 89 23.28 -1.70 -41.86
C LYS D 89 24.31 -0.92 -42.66
N GLU D 90 25.05 -1.63 -43.49
CA GLU D 90 26.13 -1.00 -44.27
C GLU D 90 25.64 0.20 -45.10
N GLU D 91 24.40 0.15 -45.55
CA GLU D 91 23.83 1.20 -46.41
C GLU D 91 23.49 2.46 -45.60
N GLU D 92 22.70 2.27 -44.55
CA GLU D 92 22.41 3.35 -43.60
C GLU D 92 23.12 3.06 -42.29
N GLU D 93 24.44 3.23 -42.29
CA GLU D 93 25.26 3.09 -41.09
C GLU D 93 24.81 4.08 -40.02
N LYS D 94 24.32 5.24 -40.48
CA LYS D 94 23.79 6.28 -39.61
C LYS D 94 22.46 5.91 -38.96
N LEU D 95 21.54 5.33 -39.74
CA LEU D 95 20.23 4.91 -39.23
C LEU D 95 20.36 3.77 -38.21
N ALA D 96 21.11 2.74 -38.59
CA ALA D 96 21.26 1.54 -37.79
C ALA D 96 21.89 1.82 -36.42
N LEU D 97 22.72 2.85 -36.33
CA LEU D 97 23.35 3.20 -35.06
C LEU D 97 22.31 3.70 -34.07
N ALA D 98 21.27 4.35 -34.58
CA ALA D 98 20.19 4.88 -33.74
C ALA D 98 19.35 3.77 -33.10
N MSE D 99 19.01 2.76 -33.90
CA MSE D 99 18.18 1.66 -33.41
C MSE D 99 18.93 0.77 -32.43
O MSE D 99 18.30 0.00 -31.71
CB MSE D 99 17.66 0.83 -34.58
CG MSE D 99 16.94 1.61 -35.66
SE MSE D 99 15.27 2.45 -35.11
CE MSE D 99 15.94 4.18 -34.51
N GLU D 100 20.24 0.88 -32.42
CA GLU D 100 21.07 0.19 -31.44
C GLU D 100 21.09 0.93 -30.12
N GLU D 101 21.08 2.26 -30.17
CA GLU D 101 21.03 3.09 -28.97
C GLU D 101 19.64 3.01 -28.38
N VAL D 102 18.64 2.98 -29.26
CA VAL D 102 17.25 2.73 -28.92
C VAL D 102 17.16 1.44 -28.12
N GLU D 103 17.55 0.34 -28.76
CA GLU D 103 17.46 -0.98 -28.15
C GLU D 103 18.13 -1.01 -26.77
N HIS D 104 19.31 -0.42 -26.65
CA HIS D 104 20.04 -0.43 -25.37
C HIS D 104 19.28 0.24 -24.23
N MSE D 105 18.71 1.41 -24.49
CA MSE D 105 17.98 2.14 -23.46
C MSE D 105 16.65 1.46 -23.16
O MSE D 105 16.17 1.53 -22.04
CB MSE D 105 17.73 3.57 -23.88
CG MSE D 105 16.35 3.77 -24.46
SE MSE D 105 15.42 5.33 -23.75
CE MSE D 105 15.52 6.42 -25.38
N GLU D 106 16.05 0.84 -24.17
CA GLU D 106 14.82 0.08 -24.00
C GLU D 106 15.04 -1.12 -23.08
N LYS D 107 16.21 -1.74 -23.22
CA LYS D 107 16.62 -2.80 -22.31
C LYS D 107 16.98 -2.21 -20.95
N MSE D 108 17.59 -1.02 -20.98
CA MSE D 108 17.99 -0.32 -19.75
C MSE D 108 16.75 0.00 -18.94
O MSE D 108 16.77 0.04 -17.71
CB MSE D 108 18.77 0.95 -20.09
CG MSE D 108 20.05 1.14 -19.28
SE MSE D 108 20.98 -0.53 -18.77
CE MSE D 108 21.35 -1.36 -20.50
N PHE D 109 15.65 0.20 -19.66
CA PHE D 109 14.36 0.47 -19.10
C PHE D 109 13.77 -0.75 -18.41
N GLU D 110 14.01 -1.91 -19.01
CA GLU D 110 13.46 -3.17 -18.50
C GLU D 110 13.93 -3.39 -17.08
N GLU D 111 15.22 -3.15 -16.85
CA GLU D 111 15.79 -3.29 -15.52
C GLU D 111 15.08 -2.44 -14.47
N THR D 112 14.59 -1.27 -14.87
CA THR D 112 13.83 -0.41 -13.98
C THR D 112 12.44 -1.01 -13.75
N VAL D 113 11.78 -1.45 -14.81
CA VAL D 113 10.47 -2.11 -14.70
C VAL D 113 10.57 -3.29 -13.75
N LYS D 114 11.64 -4.08 -13.88
CA LYS D 114 11.91 -5.22 -12.99
C LYS D 114 11.83 -4.87 -11.50
N GLU D 115 12.44 -3.75 -11.13
CA GLU D 115 12.44 -3.28 -9.75
C GLU D 115 11.06 -2.84 -9.35
N LEU D 116 10.33 -2.20 -10.27
CA LEU D 116 8.95 -1.75 -10.03
C LEU D 116 8.02 -2.92 -9.73
N GLU D 117 8.09 -3.95 -10.57
CA GLU D 117 7.36 -5.18 -10.32
C GLU D 117 7.70 -5.76 -8.96
N ALA D 118 9.00 -5.82 -8.65
CA ALA D 118 9.50 -6.21 -7.33
C ALA D 118 8.82 -5.43 -6.20
N LEU D 119 8.63 -4.13 -6.43
CA LEU D 119 7.99 -3.25 -5.46
C LEU D 119 6.48 -3.49 -5.41
N SER D 120 5.85 -3.57 -6.59
CA SER D 120 4.39 -3.77 -6.71
C SER D 120 3.89 -5.00 -5.96
N ASP D 121 4.56 -6.13 -6.21
CA ASP D 121 4.25 -7.40 -5.54
C ASP D 121 4.52 -7.29 -4.04
N LYS D 122 5.75 -6.90 -3.68
CA LYS D 122 6.13 -6.72 -2.28
C LYS D 122 5.06 -5.95 -1.52
N LEU D 123 4.37 -5.07 -2.23
CA LEU D 123 3.23 -4.33 -1.68
C LEU D 123 2.01 -5.21 -1.61
N ARG D 124 1.65 -5.83 -2.74
CA ARG D 124 0.38 -6.55 -2.82
C ARG D 124 0.31 -7.63 -1.74
N GLU D 125 1.48 -8.16 -1.37
CA GLU D 125 1.63 -8.97 -0.17
C GLU D 125 1.00 -8.31 1.05
N ILE D 126 1.52 -7.14 1.45
CA ILE D 126 0.99 -6.40 2.59
C ILE D 126 -0.49 -6.12 2.39
N SER D 127 -0.86 -5.64 1.22
CA SER D 127 -2.27 -5.34 0.94
C SER D 127 -3.18 -6.46 1.36
N LYS D 128 -2.73 -7.69 1.11
CA LYS D 128 -3.48 -8.91 1.43
C LYS D 128 -3.36 -9.32 2.88
N GLU D 129 -2.14 -9.23 3.44
CA GLU D 129 -1.88 -9.53 4.84
C GLU D 129 -2.64 -8.59 5.74
N ILE D 130 -2.65 -7.31 5.38
CA ILE D 130 -3.38 -6.31 6.16
C ILE D 130 -4.87 -6.62 6.12
N SER D 131 -5.44 -6.77 4.93
CA SER D 131 -6.88 -6.96 4.82
C SER D 131 -7.32 -8.19 5.62
N GLU D 132 -6.49 -9.23 5.55
CA GLU D 132 -6.67 -10.48 6.31
C GLU D 132 -6.52 -10.34 7.81
N LEU D 133 -5.59 -9.50 8.25
CA LEU D 133 -5.45 -9.19 9.67
C LEU D 133 -6.70 -8.47 10.16
N VAL D 134 -7.28 -7.63 9.32
CA VAL D 134 -8.49 -6.89 9.69
C VAL D 134 -9.64 -7.86 9.94
N GLU D 135 -9.79 -8.85 9.06
CA GLU D 135 -10.77 -9.91 9.28
C GLU D 135 -10.47 -10.59 10.61
N ARG D 136 -9.22 -10.99 10.82
CA ARG D 136 -8.81 -11.65 12.05
C ARG D 136 -9.16 -10.83 13.29
N MSE D 137 -9.08 -9.52 13.18
CA MSE D 137 -9.48 -8.66 14.28
C MSE D 137 -10.98 -8.71 14.39
O MSE D 137 -11.53 -8.93 15.48
CB MSE D 137 -9.07 -7.23 14.01
CG MSE D 137 -7.66 -6.93 14.37
SE MSE D 137 -7.38 -5.02 14.14
CE MSE D 137 -8.27 -4.34 15.75
N LYS D 138 -11.65 -8.51 13.26
CA LYS D 138 -13.09 -8.46 13.25
C LYS D 138 -13.59 -9.68 13.99
N GLN D 139 -13.14 -10.85 13.58
CA GLN D 139 -13.60 -12.06 14.22
C GLN D 139 -13.33 -12.09 15.72
N GLU D 140 -12.09 -11.83 16.13
CA GLU D 140 -11.72 -11.97 17.54
C GLU D 140 -12.21 -10.86 18.48
N TYR D 141 -12.48 -9.67 17.95
CA TYR D 141 -12.72 -8.52 18.80
C TYR D 141 -14.01 -7.78 18.56
N THR D 142 -14.84 -8.26 17.63
CA THR D 142 -16.07 -7.53 17.31
C THR D 142 -17.27 -8.42 17.06
N GLY D 143 -18.44 -7.82 17.11
CA GLY D 143 -19.65 -8.53 16.79
C GLY D 143 -20.02 -8.30 15.34
N LEU D 144 -19.14 -7.60 14.61
CA LEU D 144 -19.37 -7.27 13.21
C LEU D 144 -19.56 -8.51 12.36
N LYS D 145 -20.25 -8.35 11.23
CA LYS D 145 -20.44 -9.41 10.24
C LYS D 145 -19.09 -9.80 9.64
N LEU D 146 -18.92 -11.07 9.30
CA LEU D 146 -17.64 -11.59 8.77
C LEU D 146 -17.75 -12.13 7.36
N ARG D 147 -16.62 -12.12 6.64
CA ARG D 147 -16.47 -12.74 5.32
C ARG D 147 -17.03 -14.16 5.33
N SER D 148 -16.98 -14.75 6.52
CA SER D 148 -17.27 -16.16 6.74
C SER D 148 -18.75 -16.47 6.67
N GLU D 149 -19.52 -15.91 7.60
CA GLU D 149 -20.96 -16.21 7.78
C GLU D 149 -21.72 -16.55 6.50
S SO4 E . 3.77 26.32 25.08
O1 SO4 E . 4.08 25.14 25.89
O2 SO4 E . 2.60 26.08 24.25
O3 SO4 E . 3.51 27.45 25.97
O4 SO4 E . 4.94 26.61 24.26
S SO4 F . -21.39 -16.56 43.86
O1 SO4 F . -22.33 -17.12 42.91
O2 SO4 F . -20.14 -17.33 43.85
O3 SO4 F . -21.08 -15.17 43.51
O4 SO4 F . -21.98 -16.58 45.19
S SO4 G . 6.45 18.36 -33.91
O1 SO4 G . 6.56 16.93 -34.17
O2 SO4 G . 6.85 19.10 -35.11
O3 SO4 G . 5.07 18.70 -33.59
O4 SO4 G . 7.32 18.72 -32.79
#